data_4HGL
#
_entry.id   4HGL
#
_cell.length_a   57.439
_cell.length_b   57.439
_cell.length_c   223.416
_cell.angle_alpha   90.000
_cell.angle_beta   90.000
_cell.angle_gamma   120.000
#
_symmetry.space_group_name_H-M   'P 31 2 1'
#
loop_
_entity.id
_entity.type
_entity.pdbx_description
1 polymer 'Casein kinase I isoform gamma-3'
2 non-polymer 2-[5-methoxy-2-(quinolin-3-yl)pyrimidin-4-yl]-1,5,6,7-tetrahydro-4H-pyrrolo[3,2-c]pyridin-4-one
3 non-polymer 'SULFATE ION'
4 water water
#
_entity_poly.entity_id   1
_entity_poly.type   'polypeptide(L)'
_entity_poly.pdbx_seq_one_letter_code
;GSGVLMVGPNFRVGKKIGCGNFGELRLGKNLYTNEYVAIKLEPMKSRAPQLHLEYRFYKQLGSGDGIPQVYYFGPCGKYN
AMVLELLGPSLEDLFDLCDRTFSLKTVLMIAIQLISRMEYVHSKNLIYRDVKPENFLIGRPGNKTQQVIHIIDFGLAKEY
IDPETKKHIPYREHKSLTGTARYMSINTHLGKEQSRRDDLEALGHMFMYFLRGSLPWQGLKADTLKERYQKIGDTKRATP
IEVLCENFPEMATYLRYVRRLDFFEKPDYDYLRKLFTDLFDRKGYMFDYEYDWIGKQLPTPVGAVQQDPALSSNREAHQH
RDKMQQSKNQ
;
_entity_poly.pdbx_strand_id   A
#
# COMPACT_ATOMS: atom_id res chain seq x y z
N GLY A 1 10.30 -10.28 -37.04
CA GLY A 1 11.13 -9.10 -37.37
C GLY A 1 12.24 -8.89 -36.35
N SER A 2 12.03 -7.96 -35.42
CA SER A 2 13.04 -7.70 -34.39
C SER A 2 12.97 -8.70 -33.25
N GLY A 3 11.74 -9.05 -32.85
CA GLY A 3 11.56 -9.99 -31.76
C GLY A 3 11.65 -9.29 -30.42
N VAL A 4 11.71 -7.98 -30.46
CA VAL A 4 11.79 -7.22 -29.24
C VAL A 4 10.55 -6.37 -29.02
N LEU A 5 10.12 -6.43 -27.78
CA LEU A 5 8.96 -5.72 -27.34
C LEU A 5 9.31 -4.32 -26.94
N MET A 6 8.53 -3.39 -27.44
CA MET A 6 8.73 -1.99 -27.13
C MET A 6 7.39 -1.52 -26.62
N VAL A 7 7.43 -0.52 -25.77
CA VAL A 7 6.23 0.05 -25.25
C VAL A 7 6.41 1.50 -25.58
N GLY A 8 5.48 2.04 -26.35
CA GLY A 8 5.59 3.42 -26.74
C GLY A 8 6.74 3.57 -27.72
N PRO A 9 7.30 4.79 -27.79
CA PRO A 9 8.41 5.08 -28.69
C PRO A 9 9.80 4.73 -28.18
N ASN A 10 10.01 4.75 -26.86
CA ASN A 10 11.34 4.52 -26.31
C ASN A 10 11.55 3.44 -25.25
N PHE A 11 10.50 2.75 -24.84
CA PHE A 11 10.67 1.77 -23.77
C PHE A 11 10.87 0.32 -24.19
N ARG A 12 12.08 -0.17 -23.98
CA ARG A 12 12.37 -1.56 -24.29
C ARG A 12 11.83 -2.36 -23.09
N VAL A 13 11.13 -3.46 -23.38
CA VAL A 13 10.56 -4.32 -22.36
C VAL A 13 11.55 -5.42 -21.97
N GLY A 14 11.85 -5.50 -20.68
CA GLY A 14 12.79 -6.49 -20.22
C GLY A 14 12.26 -7.71 -19.50
N LYS A 15 13.14 -8.32 -18.74
CA LYS A 15 12.79 -9.51 -18.01
C LYS A 15 11.67 -9.31 -16.99
N LYS A 16 11.09 -10.45 -16.61
CA LYS A 16 9.98 -10.52 -15.67
C LYS A 16 10.64 -10.33 -14.33
N ILE A 17 10.11 -9.42 -13.52
CA ILE A 17 10.71 -9.17 -12.21
C ILE A 17 9.75 -9.31 -11.07
N GLY A 18 10.28 -9.42 -9.86
CA GLY A 18 9.41 -9.60 -8.71
C GLY A 18 8.82 -10.99 -8.57
N CYS A 19 8.05 -11.20 -7.50
CA CYS A 19 7.41 -12.49 -7.26
C CYS A 19 5.92 -12.33 -7.47
N GLY A 20 5.27 -13.44 -7.82
CA GLY A 20 3.85 -13.40 -8.06
C GLY A 20 3.70 -12.99 -9.51
N ASN A 21 2.98 -11.90 -9.74
CA ASN A 21 2.75 -11.37 -11.09
C ASN A 21 2.35 -12.43 -12.11
N PHE A 22 3.32 -13.22 -12.55
CA PHE A 22 3.10 -14.27 -13.55
C PHE A 22 3.33 -13.64 -14.92
N GLY A 23 4.23 -12.65 -14.97
CA GLY A 23 4.55 -11.96 -16.21
C GLY A 23 4.01 -10.56 -16.25
N GLU A 24 3.25 -10.19 -15.22
CA GLU A 24 2.62 -8.88 -15.13
C GLU A 24 3.56 -7.71 -14.83
N LEU A 25 4.72 -7.96 -14.24
CA LEU A 25 5.65 -6.86 -14.01
C LEU A 25 7.01 -7.19 -14.60
N ARG A 26 7.50 -6.28 -15.43
CA ARG A 26 8.77 -6.44 -16.11
C ARG A 26 9.69 -5.28 -15.94
N LEU A 27 10.99 -5.53 -16.02
CA LEU A 27 11.93 -4.44 -15.92
C LEU A 27 11.89 -3.83 -17.31
N GLY A 28 12.19 -2.55 -17.40
CA GLY A 28 12.18 -1.90 -18.69
C GLY A 28 13.26 -0.84 -18.71
N LYS A 29 13.60 -0.40 -19.92
CA LYS A 29 14.61 0.64 -20.07
C LYS A 29 14.16 1.73 -21.02
N ASN A 30 14.33 2.97 -20.59
CA ASN A 30 13.99 4.10 -21.45
C ASN A 30 15.25 4.27 -22.31
N LEU A 31 15.18 3.83 -23.56
CA LEU A 31 16.33 3.91 -24.46
C LEU A 31 16.78 5.35 -24.73
N TYR A 32 15.85 6.30 -24.66
CA TYR A 32 16.18 7.70 -24.90
C TYR A 32 16.94 8.33 -23.76
N THR A 33 16.66 7.89 -22.53
CA THR A 33 17.30 8.44 -21.35
C THR A 33 18.31 7.53 -20.69
N ASN A 34 18.34 6.27 -21.12
CA ASN A 34 19.26 5.31 -20.55
C ASN A 34 18.94 5.09 -19.07
N GLU A 35 17.64 5.05 -18.75
CA GLU A 35 17.17 4.83 -17.39
C GLU A 35 16.29 3.59 -17.35
N TYR A 36 16.31 2.88 -16.22
CA TYR A 36 15.47 1.71 -16.06
C TYR A 36 14.12 2.14 -15.51
N VAL A 37 13.10 1.35 -15.82
CA VAL A 37 11.75 1.67 -15.37
C VAL A 37 11.05 0.38 -15.06
N ALA A 38 9.88 0.48 -14.45
CA ALA A 38 9.06 -0.69 -14.15
C ALA A 38 7.93 -0.67 -15.19
N ILE A 39 7.57 -1.83 -15.71
CA ILE A 39 6.50 -1.87 -16.69
C ILE A 39 5.43 -2.85 -16.24
N LYS A 40 4.23 -2.34 -16.03
CA LYS A 40 3.12 -3.15 -15.58
C LYS A 40 2.36 -3.54 -16.84
N LEU A 41 2.10 -4.84 -17.01
CA LEU A 41 1.39 -5.32 -18.19
C LEU A 41 0.06 -5.98 -17.83
N GLU A 42 -0.92 -5.79 -18.70
CA GLU A 42 -2.23 -6.38 -18.49
C GLU A 42 -2.72 -6.91 -19.84
N PRO A 43 -2.97 -8.22 -19.92
CA PRO A 43 -3.46 -8.75 -21.20
C PRO A 43 -4.71 -7.99 -21.67
N MET A 44 -4.76 -7.63 -22.95
CA MET A 44 -5.90 -6.91 -23.51
C MET A 44 -7.16 -7.76 -23.40
N LYS A 45 -6.92 -9.04 -23.16
CA LYS A 45 -7.92 -10.09 -23.08
C LYS A 45 -8.44 -10.21 -21.65
N SER A 46 -7.97 -9.35 -20.74
CA SER A 46 -8.39 -9.43 -19.36
C SER A 46 -9.88 -9.30 -19.11
N ARG A 47 -10.34 -10.16 -18.21
CA ARG A 47 -11.73 -10.26 -17.78
C ARG A 47 -12.10 -9.13 -16.83
N ALA A 48 -11.10 -8.72 -16.06
CA ALA A 48 -11.24 -7.67 -15.07
C ALA A 48 -10.12 -6.64 -15.24
N PRO A 49 -10.30 -5.71 -16.20
CA PRO A 49 -9.31 -4.66 -16.51
C PRO A 49 -9.16 -3.74 -15.31
N GLN A 50 -7.94 -3.29 -15.04
CA GLN A 50 -7.69 -2.38 -13.94
C GLN A 50 -6.64 -1.39 -14.38
N LEU A 51 -5.73 -1.83 -15.24
CA LEU A 51 -4.59 -1.00 -15.64
C LEU A 51 -4.93 0.40 -16.10
N HIS A 52 -5.81 0.52 -17.07
CA HIS A 52 -6.15 1.83 -17.58
C HIS A 52 -6.66 2.83 -16.57
N LEU A 53 -7.57 2.45 -15.69
CA LEU A 53 -7.96 3.47 -14.77
C LEU A 53 -7.04 3.58 -13.56
N GLU A 54 -6.17 2.60 -13.38
CA GLU A 54 -5.21 2.71 -12.30
C GLU A 54 -4.40 3.90 -12.82
N TYR A 55 -4.12 3.86 -14.12
CA TYR A 55 -3.37 4.92 -14.79
C TYR A 55 -4.10 6.24 -14.54
N ARG A 56 -5.41 6.25 -14.71
CA ARG A 56 -6.21 7.45 -14.49
C ARG A 56 -6.10 7.91 -13.03
N PHE A 57 -6.08 6.96 -12.11
CA PHE A 57 -5.97 7.30 -10.70
C PHE A 57 -4.63 7.96 -10.44
N TYR A 58 -3.62 7.55 -11.17
CA TYR A 58 -2.30 8.14 -11.00
C TYR A 58 -2.30 9.55 -11.57
N LYS A 59 -3.06 9.73 -12.64
CA LYS A 59 -3.18 11.03 -13.29
C LYS A 59 -3.77 11.97 -12.23
N GLN A 60 -4.85 11.48 -11.64
CA GLN A 60 -5.64 12.19 -10.62
C GLN A 60 -4.77 12.55 -9.43
N LEU A 61 -3.88 11.64 -9.09
CA LEU A 61 -2.98 11.83 -7.96
C LEU A 61 -1.98 12.93 -8.26
N GLY A 62 -1.40 12.90 -9.46
CA GLY A 62 -0.44 13.91 -9.85
C GLY A 62 0.94 13.59 -9.31
N SER A 63 1.88 14.49 -9.58
CA SER A 63 3.24 14.29 -9.10
C SER A 63 3.18 14.47 -7.59
N GLY A 64 3.67 13.50 -6.83
CA GLY A 64 3.60 13.64 -5.38
C GLY A 64 4.65 12.88 -4.58
N ASP A 65 4.89 13.32 -3.36
CA ASP A 65 5.87 12.68 -2.47
C ASP A 65 5.52 11.23 -2.16
N GLY A 66 6.41 10.31 -2.53
CA GLY A 66 6.14 8.92 -2.28
C GLY A 66 5.21 8.32 -3.32
N ILE A 67 4.92 9.05 -4.39
CA ILE A 67 4.06 8.51 -5.45
C ILE A 67 4.92 8.24 -6.67
N PRO A 68 5.05 6.97 -7.07
CA PRO A 68 5.89 6.73 -8.24
C PRO A 68 5.41 7.52 -9.45
N GLN A 69 6.37 8.01 -10.22
CA GLN A 69 6.10 8.78 -11.42
C GLN A 69 5.61 7.80 -12.51
N VAL A 70 4.63 8.22 -13.31
CA VAL A 70 4.11 7.39 -14.41
C VAL A 70 4.58 8.04 -15.71
N TYR A 71 5.16 7.25 -16.60
CA TYR A 71 5.69 7.80 -17.85
C TYR A 71 4.87 7.50 -19.09
N TYR A 72 4.18 6.36 -19.08
CA TYR A 72 3.48 5.95 -20.27
C TYR A 72 2.40 4.90 -20.05
N PHE A 73 1.39 4.92 -20.90
CA PHE A 73 0.33 3.93 -20.87
C PHE A 73 0.00 3.69 -22.32
N GLY A 74 0.30 2.51 -22.81
CA GLY A 74 0.00 2.21 -24.20
C GLY A 74 0.00 0.72 -24.50
N PRO A 75 -0.43 0.34 -25.72
CA PRO A 75 -0.47 -1.06 -26.13
C PRO A 75 0.91 -1.63 -26.38
N CYS A 76 1.08 -2.88 -26.00
CA CYS A 76 2.35 -3.58 -26.17
C CYS A 76 1.99 -4.97 -26.57
N GLY A 77 2.03 -5.26 -27.86
CA GLY A 77 1.65 -6.59 -28.30
C GLY A 77 0.22 -6.79 -27.85
N LYS A 78 -0.08 -7.93 -27.25
CA LYS A 78 -1.44 -8.19 -26.81
C LYS A 78 -1.62 -7.76 -25.37
N TYR A 79 -0.83 -6.76 -25.00
CA TYR A 79 -0.83 -6.23 -23.64
C TYR A 79 -1.09 -4.74 -23.57
N ASN A 80 -1.71 -4.27 -22.48
CA ASN A 80 -1.82 -2.82 -22.31
C ASN A 80 -0.67 -2.66 -21.34
N ALA A 81 0.14 -1.63 -21.52
CA ALA A 81 1.28 -1.46 -20.63
C ALA A 81 1.35 -0.09 -19.99
N MET A 82 1.78 -0.07 -18.74
CA MET A 82 1.94 1.17 -18.02
C MET A 82 3.37 1.21 -17.53
N VAL A 83 4.09 2.21 -18.00
CA VAL A 83 5.49 2.39 -17.64
C VAL A 83 5.55 3.42 -16.52
N LEU A 84 6.26 3.09 -15.46
CA LEU A 84 6.43 3.99 -14.34
C LEU A 84 7.79 3.83 -13.70
N GLU A 85 8.09 4.75 -12.80
CA GLU A 85 9.35 4.77 -12.06
C GLU A 85 9.70 3.47 -11.35
N LEU A 86 10.92 3.00 -11.56
CA LEU A 86 11.39 1.77 -10.92
C LEU A 86 11.72 2.10 -9.47
N LEU A 87 11.18 1.31 -8.57
CA LEU A 87 11.43 1.51 -7.14
C LEU A 87 12.28 0.39 -6.55
N GLY A 88 12.30 0.26 -5.23
CA GLY A 88 13.07 -0.81 -4.63
C GLY A 88 12.17 -1.87 -4.03
N PRO A 89 12.67 -2.62 -3.05
CA PRO A 89 11.90 -3.67 -2.39
C PRO A 89 10.73 -3.15 -1.52
N SER A 90 9.77 -4.03 -1.27
CA SER A 90 8.60 -3.70 -0.46
C SER A 90 8.89 -3.89 1.02
N LEU A 91 7.98 -3.39 1.85
CA LEU A 91 8.13 -3.53 3.28
C LEU A 91 8.07 -5.01 3.66
N GLU A 92 7.34 -5.79 2.87
CA GLU A 92 7.25 -7.22 3.15
C GLU A 92 8.61 -7.89 2.86
N ASP A 93 9.26 -7.49 1.78
CA ASP A 93 10.58 -8.04 1.42
C ASP A 93 11.53 -7.66 2.53
N LEU A 94 11.44 -6.41 2.99
CA LEU A 94 12.33 -5.91 4.02
C LEU A 94 12.06 -6.56 5.38
N PHE A 95 10.80 -6.87 5.62
CA PHE A 95 10.39 -7.50 6.85
C PHE A 95 11.10 -8.86 6.90
N ASP A 96 10.96 -9.66 5.84
CA ASP A 96 11.60 -10.97 5.80
C ASP A 96 13.10 -10.80 6.04
N LEU A 97 13.68 -9.81 5.37
CA LEU A 97 15.10 -9.55 5.50
C LEU A 97 15.46 -9.27 6.96
N CYS A 98 14.53 -8.67 7.70
CA CYS A 98 14.78 -8.33 9.10
C CYS A 98 14.17 -9.36 10.04
N ASP A 99 14.05 -10.59 9.57
CA ASP A 99 13.51 -11.70 10.37
C ASP A 99 12.10 -11.55 10.90
N ARG A 100 11.27 -10.89 10.12
CA ARG A 100 9.87 -10.68 10.43
C ARG A 100 9.51 -10.01 11.74
N THR A 101 10.11 -8.86 11.97
CA THR A 101 9.81 -8.01 13.11
C THR A 101 10.60 -6.71 12.90
N PHE A 102 9.95 -5.57 13.07
CA PHE A 102 10.64 -4.30 12.93
C PHE A 102 10.69 -3.65 14.30
N SER A 103 11.73 -2.88 14.56
CA SER A 103 11.87 -2.17 15.83
C SER A 103 10.83 -1.07 15.86
N LEU A 104 10.45 -0.61 17.05
CA LEU A 104 9.46 0.44 17.15
C LEU A 104 9.90 1.70 16.40
N LYS A 105 11.18 2.01 16.46
CA LYS A 105 11.67 3.19 15.79
C LYS A 105 11.46 3.09 14.29
N THR A 106 11.64 1.89 13.73
CA THR A 106 11.44 1.70 12.30
C THR A 106 9.96 1.77 11.98
N VAL A 107 9.12 1.16 12.80
CA VAL A 107 7.69 1.17 12.57
C VAL A 107 7.11 2.58 12.66
N LEU A 108 7.60 3.38 13.61
CA LEU A 108 7.14 4.75 13.75
C LEU A 108 7.59 5.62 12.56
N MET A 109 8.81 5.41 12.07
CA MET A 109 9.27 6.18 10.92
C MET A 109 8.41 5.82 9.71
N ILE A 110 8.01 4.56 9.66
CA ILE A 110 7.14 4.07 8.60
C ILE A 110 5.73 4.64 8.76
N ALA A 111 5.20 4.55 9.98
CA ALA A 111 3.86 5.01 10.28
C ALA A 111 3.66 6.49 10.03
N ILE A 112 4.63 7.29 10.47
CA ILE A 112 4.55 8.73 10.29
C ILE A 112 4.47 9.09 8.82
N GLN A 113 5.23 8.36 8.00
CA GLN A 113 5.23 8.62 6.57
C GLN A 113 3.95 8.16 5.90
N LEU A 114 3.46 6.99 6.30
CA LEU A 114 2.27 6.46 5.68
C LEU A 114 1.01 7.22 6.01
N ILE A 115 0.90 7.76 7.22
CA ILE A 115 -0.27 8.55 7.57
C ILE A 115 -0.33 9.75 6.62
N SER A 116 0.84 10.33 6.37
CA SER A 116 0.93 11.45 5.45
C SER A 116 0.68 10.97 4.04
N ARG A 117 1.18 9.79 3.70
CA ARG A 117 0.98 9.21 2.38
C ARG A 117 -0.52 9.05 2.08
N MET A 118 -1.23 8.48 3.06
CA MET A 118 -2.66 8.24 2.94
C MET A 118 -3.46 9.54 2.93
N GLU A 119 -3.03 10.51 3.76
CA GLU A 119 -3.70 11.79 3.80
C GLU A 119 -3.59 12.44 2.42
N TYR A 120 -2.43 12.29 1.79
CA TYR A 120 -2.25 12.84 0.43
C TYR A 120 -3.23 12.18 -0.53
N VAL A 121 -3.29 10.85 -0.54
CA VAL A 121 -4.21 10.15 -1.41
C VAL A 121 -5.62 10.68 -1.16
N HIS A 122 -5.99 10.72 0.12
CA HIS A 122 -7.31 11.20 0.52
C HIS A 122 -7.56 12.63 0.08
N SER A 123 -6.51 13.46 0.05
CA SER A 123 -6.67 14.85 -0.36
C SER A 123 -6.97 14.94 -1.85
N LYS A 124 -6.72 13.85 -2.57
CA LYS A 124 -7.00 13.82 -3.99
C LYS A 124 -8.32 13.14 -4.26
N ASN A 125 -9.12 13.03 -3.21
CA ASN A 125 -10.44 12.42 -3.27
C ASN A 125 -10.45 10.92 -3.52
N LEU A 126 -9.34 10.26 -3.21
CA LEU A 126 -9.27 8.83 -3.39
C LEU A 126 -9.08 8.09 -2.09
N ILE A 127 -9.68 6.90 -2.00
CA ILE A 127 -9.44 6.03 -0.85
C ILE A 127 -8.68 4.88 -1.50
N TYR A 128 -7.64 4.41 -0.82
CA TYR A 128 -6.76 3.35 -1.31
C TYR A 128 -7.36 1.97 -1.38
N ARG A 129 -7.78 1.45 -0.22
CA ARG A 129 -8.42 0.14 -0.11
C ARG A 129 -7.57 -1.11 -0.39
N ASP A 130 -6.24 -0.99 -0.39
CA ASP A 130 -5.40 -2.14 -0.64
C ASP A 130 -4.12 -2.13 0.21
N VAL A 131 -4.27 -1.79 1.48
CA VAL A 131 -3.14 -1.73 2.42
C VAL A 131 -2.55 -3.09 2.71
N LYS A 132 -1.23 -3.17 2.59
CA LYS A 132 -0.46 -4.38 2.86
C LYS A 132 1.01 -4.04 2.64
N PRO A 133 1.91 -4.73 3.36
CA PRO A 133 3.36 -4.53 3.26
C PRO A 133 3.87 -4.58 1.82
N GLU A 134 3.27 -5.44 1.01
CA GLU A 134 3.69 -5.58 -0.38
C GLU A 134 3.48 -4.35 -1.26
N ASN A 135 2.56 -3.47 -0.90
CA ASN A 135 2.29 -2.28 -1.70
C ASN A 135 2.99 -1.00 -1.23
N PHE A 136 3.96 -1.17 -0.35
CA PHE A 136 4.73 -0.04 0.15
C PHE A 136 6.19 -0.36 -0.13
N LEU A 137 6.78 0.43 -1.02
CA LEU A 137 8.15 0.24 -1.49
C LEU A 137 9.10 1.39 -1.19
N ILE A 138 10.34 1.06 -0.84
CA ILE A 138 11.32 2.09 -0.59
C ILE A 138 11.82 2.43 -1.99
N GLY A 139 12.59 3.50 -2.13
CA GLY A 139 13.10 3.89 -3.44
C GLY A 139 14.30 3.08 -3.76
N ARG A 140 15.11 3.52 -4.70
CA ARG A 140 16.28 2.68 -4.98
C ARG A 140 17.59 3.31 -4.49
N PRO A 141 18.61 2.47 -4.38
CA PRO A 141 19.94 2.87 -3.94
C PRO A 141 20.54 3.95 -4.87
N GLY A 142 20.36 5.21 -4.48
CA GLY A 142 20.91 6.32 -5.22
C GLY A 142 19.92 7.32 -5.76
N ASN A 143 18.82 6.86 -6.35
CA ASN A 143 17.84 7.77 -6.94
C ASN A 143 17.13 8.54 -5.85
N LYS A 144 18.02 8.96 -4.94
CA LYS A 144 17.79 9.76 -3.74
C LYS A 144 16.47 9.70 -3.01
N THR A 145 15.68 8.68 -3.30
CA THR A 145 14.41 8.54 -2.62
C THR A 145 14.38 7.16 -2.00
N GLN A 146 15.54 6.54 -1.85
CA GLN A 146 15.55 5.19 -1.30
C GLN A 146 15.02 5.08 0.10
N GLN A 147 15.09 6.14 0.87
CA GLN A 147 14.57 6.06 2.22
C GLN A 147 13.12 6.48 2.29
N VAL A 148 12.55 6.94 1.19
CA VAL A 148 11.14 7.35 1.17
C VAL A 148 10.29 6.12 0.95
N ILE A 149 9.29 5.94 1.80
CA ILE A 149 8.39 4.81 1.64
C ILE A 149 7.34 5.22 0.60
N HIS A 150 7.27 4.47 -0.50
CA HIS A 150 6.32 4.77 -1.56
C HIS A 150 5.09 3.88 -1.48
N ILE A 151 4.00 4.34 -2.10
CA ILE A 151 2.75 3.59 -2.13
C ILE A 151 2.50 3.22 -3.59
N ILE A 152 2.23 1.94 -3.85
CA ILE A 152 1.96 1.49 -5.21
C ILE A 152 0.69 0.69 -5.34
N ASP A 153 0.36 0.37 -6.59
CA ASP A 153 -0.81 -0.39 -7.00
C ASP A 153 -2.14 0.19 -6.51
N PHE A 154 -2.68 1.07 -7.32
CA PHE A 154 -3.92 1.75 -7.03
C PHE A 154 -5.09 1.15 -7.81
N GLY A 155 -5.00 -0.15 -8.10
CA GLY A 155 -6.06 -0.82 -8.82
C GLY A 155 -7.36 -0.96 -8.07
N LEU A 156 -7.30 -1.06 -6.75
CA LEU A 156 -8.51 -1.17 -5.93
C LEU A 156 -9.00 0.20 -5.43
N ALA A 157 -8.35 1.26 -5.87
CA ALA A 157 -8.75 2.59 -5.42
C ALA A 157 -10.15 3.00 -5.86
N LYS A 158 -10.69 4.01 -5.18
CA LYS A 158 -12.02 4.49 -5.47
C LYS A 158 -12.13 5.97 -5.10
N GLU A 159 -12.90 6.70 -5.88
CA GLU A 159 -13.11 8.11 -5.63
C GLU A 159 -14.22 8.20 -4.59
N TYR A 160 -13.90 8.63 -3.38
CA TYR A 160 -14.90 8.71 -2.32
C TYR A 160 -15.67 10.03 -2.32
N ILE A 161 -15.26 10.95 -3.19
CA ILE A 161 -15.97 12.21 -3.33
C ILE A 161 -16.52 12.26 -4.76
N ASP A 162 -17.83 12.19 -4.92
CA ASP A 162 -18.41 12.24 -6.27
C ASP A 162 -17.92 13.52 -6.94
N PRO A 163 -17.27 13.39 -8.11
CA PRO A 163 -16.73 14.54 -8.83
C PRO A 163 -17.72 15.60 -9.24
N GLU A 164 -18.94 15.19 -9.54
CA GLU A 164 -19.96 16.15 -9.96
C GLU A 164 -20.66 16.76 -8.75
N THR A 165 -21.28 15.92 -7.91
CA THR A 165 -22.01 16.39 -6.72
C THR A 165 -21.09 16.97 -5.66
N LYS A 166 -19.85 16.48 -5.60
CA LYS A 166 -18.90 16.95 -4.60
C LYS A 166 -19.36 16.52 -3.23
N LYS A 167 -20.05 15.39 -3.20
CA LYS A 167 -20.53 14.80 -1.96
C LYS A 167 -19.72 13.55 -1.69
N HIS A 168 -19.61 13.16 -0.43
CA HIS A 168 -18.90 11.96 -0.03
C HIS A 168 -19.77 10.82 -0.57
N ILE A 169 -19.18 9.70 -0.93
CA ILE A 169 -20.01 8.61 -1.43
C ILE A 169 -20.96 8.19 -0.31
N PRO A 170 -22.15 7.69 -0.69
CA PRO A 170 -23.17 7.24 0.26
C PRO A 170 -22.79 5.98 1.00
N TYR A 171 -23.26 5.87 2.24
CA TYR A 171 -22.98 4.69 3.04
C TYR A 171 -23.82 3.57 2.45
N ARG A 172 -23.29 2.35 2.49
CA ARG A 172 -24.02 1.19 1.99
C ARG A 172 -23.29 -0.08 2.40
N GLU A 173 -23.98 -1.22 2.33
CA GLU A 173 -23.39 -2.48 2.75
C GLU A 173 -23.41 -3.53 1.66
N HIS A 174 -23.17 -4.79 2.02
CA HIS A 174 -23.20 -5.83 1.02
C HIS A 174 -22.16 -5.66 -0.08
N LYS A 175 -21.00 -5.09 0.26
CA LYS A 175 -19.95 -4.96 -0.74
C LYS A 175 -19.25 -6.32 -0.67
N SER A 176 -18.95 -6.94 -1.79
CA SER A 176 -18.29 -8.23 -1.75
C SER A 176 -16.84 -8.08 -1.28
N LEU A 177 -16.37 -9.07 -0.54
CA LEU A 177 -15.02 -9.09 -0.01
C LEU A 177 -14.00 -9.58 -1.03
N THR A 178 -12.95 -8.80 -1.25
CA THR A 178 -11.90 -9.16 -2.20
C THR A 178 -10.49 -8.83 -1.69
N GLY A 179 -10.33 -7.65 -1.10
CA GLY A 179 -9.03 -7.22 -0.59
C GLY A 179 -8.34 -8.28 0.25
N THR A 180 -7.20 -7.95 0.84
CA THR A 180 -6.46 -8.92 1.68
C THR A 180 -7.01 -8.91 3.10
N ALA A 181 -7.48 -10.07 3.55
CA ALA A 181 -8.08 -10.24 4.85
C ALA A 181 -7.26 -9.87 6.09
N ARG A 182 -6.00 -10.25 6.11
CA ARG A 182 -5.15 -9.99 7.27
C ARG A 182 -5.12 -8.56 7.82
N TYR A 183 -5.12 -7.56 6.94
CA TYR A 183 -5.05 -6.17 7.40
C TYR A 183 -6.37 -5.41 7.37
N MET A 184 -7.33 -5.86 6.57
CA MET A 184 -8.58 -5.11 6.46
C MET A 184 -9.32 -4.76 7.75
N SER A 185 -9.95 -3.59 7.73
CA SER A 185 -10.69 -3.11 8.87
C SER A 185 -11.84 -4.06 9.21
N ILE A 186 -12.33 -3.97 10.43
CA ILE A 186 -13.42 -4.81 10.87
C ILE A 186 -14.68 -4.50 10.06
N ASN A 187 -14.94 -3.22 9.80
CA ASN A 187 -16.10 -2.85 9.01
C ASN A 187 -15.99 -3.42 7.59
N THR A 188 -14.78 -3.50 7.05
CA THR A 188 -14.63 -4.05 5.71
C THR A 188 -15.15 -5.48 5.76
N HIS A 189 -14.87 -6.18 6.87
CA HIS A 189 -15.30 -7.57 7.03
C HIS A 189 -16.82 -7.66 7.08
N LEU A 190 -17.45 -6.61 7.55
CA LEU A 190 -18.90 -6.56 7.68
C LEU A 190 -19.61 -6.24 6.36
N GLY A 191 -18.86 -6.10 5.28
CA GLY A 191 -19.46 -5.78 4.00
C GLY A 191 -19.87 -4.33 3.79
N LYS A 192 -19.34 -3.43 4.62
CA LYS A 192 -19.66 -2.01 4.51
C LYS A 192 -18.78 -1.29 3.51
N GLU A 193 -19.30 -0.24 2.89
CA GLU A 193 -18.56 0.55 1.93
C GLU A 193 -17.36 1.09 2.70
N GLN A 194 -16.20 1.07 2.05
CA GLN A 194 -14.97 1.56 2.66
C GLN A 194 -14.83 3.07 2.47
N SER A 195 -14.22 3.73 3.44
CA SER A 195 -14.00 5.16 3.35
C SER A 195 -12.63 5.47 3.95
N ARG A 196 -12.31 6.74 4.17
CA ARG A 196 -11.01 7.11 4.73
C ARG A 196 -10.58 6.32 5.97
N ARG A 197 -11.45 6.23 6.95
CA ARG A 197 -11.13 5.51 8.18
C ARG A 197 -10.55 4.12 7.90
N ASP A 198 -11.14 3.39 6.96
CA ASP A 198 -10.70 2.04 6.66
C ASP A 198 -9.25 1.94 6.18
N ASP A 199 -8.77 2.93 5.43
CA ASP A 199 -7.38 2.88 5.01
C ASP A 199 -6.50 3.01 6.25
N LEU A 200 -6.91 3.91 7.14
CA LEU A 200 -6.17 4.17 8.38
C LEU A 200 -6.17 3.02 9.35
N GLU A 201 -7.27 2.28 9.42
CA GLU A 201 -7.33 1.14 10.32
C GLU A 201 -6.46 0.01 9.76
N ALA A 202 -6.46 -0.14 8.44
CA ALA A 202 -5.66 -1.17 7.80
C ALA A 202 -4.19 -0.90 8.10
N LEU A 203 -3.78 0.36 8.02
CA LEU A 203 -2.41 0.72 8.36
C LEU A 203 -2.10 0.33 9.80
N GLY A 204 -3.07 0.54 10.70
CA GLY A 204 -2.86 0.18 12.10
C GLY A 204 -2.57 -1.30 12.26
N HIS A 205 -3.40 -2.13 11.63
CA HIS A 205 -3.22 -3.57 11.68
C HIS A 205 -1.84 -3.94 11.16
N MET A 206 -1.42 -3.26 10.09
CA MET A 206 -0.11 -3.52 9.52
C MET A 206 1.02 -3.09 10.45
N PHE A 207 0.85 -1.96 11.14
CA PHE A 207 1.86 -1.49 12.10
C PHE A 207 2.04 -2.51 13.22
N MET A 208 0.93 -3.06 13.72
CA MET A 208 0.99 -4.07 14.78
C MET A 208 1.56 -5.38 14.26
N TYR A 209 1.32 -5.67 12.99
CA TYR A 209 1.85 -6.86 12.36
C TYR A 209 3.36 -6.74 12.36
N PHE A 210 3.87 -5.55 12.06
CA PHE A 210 5.32 -5.32 12.04
C PHE A 210 5.93 -5.42 13.43
N LEU A 211 5.26 -4.83 14.41
CA LEU A 211 5.74 -4.84 15.78
C LEU A 211 5.69 -6.19 16.48
N ARG A 212 4.60 -6.92 16.26
CA ARG A 212 4.44 -8.21 16.92
C ARG A 212 5.17 -9.34 16.20
N GLY A 213 5.25 -9.25 14.88
CA GLY A 213 5.88 -10.30 14.11
C GLY A 213 4.76 -11.04 13.36
N SER A 214 3.53 -10.91 13.86
CA SER A 214 2.37 -11.54 13.25
C SER A 214 1.10 -11.04 13.91
N LEU A 215 -0.05 -11.30 13.29
CA LEU A 215 -1.34 -10.89 13.83
C LEU A 215 -2.05 -12.17 14.29
N PRO A 216 -2.86 -12.07 15.36
CA PRO A 216 -3.57 -13.24 15.90
C PRO A 216 -4.70 -13.88 15.10
N TRP A 217 -4.98 -13.38 13.90
CA TRP A 217 -6.03 -13.95 13.07
C TRP A 217 -5.37 -14.49 11.81
N GLN A 218 -4.06 -14.29 11.75
CA GLN A 218 -3.22 -14.66 10.62
C GLN A 218 -3.27 -16.11 10.11
N GLY A 219 -3.35 -17.08 11.02
CA GLY A 219 -3.39 -18.46 10.55
C GLY A 219 -4.74 -19.09 10.27
N LEU A 220 -5.80 -18.27 10.26
CA LEU A 220 -7.15 -18.78 10.04
C LEU A 220 -7.44 -19.26 8.61
N LYS A 221 -7.89 -20.50 8.51
CA LYS A 221 -8.25 -21.11 7.22
C LYS A 221 -9.73 -21.53 7.23
N ALA A 222 -10.30 -21.72 6.04
CA ALA A 222 -11.69 -22.13 5.93
C ALA A 222 -11.97 -22.81 4.58
N ASP A 223 -13.18 -23.32 4.43
CA ASP A 223 -13.60 -24.00 3.21
C ASP A 223 -14.07 -23.11 2.08
N THR A 224 -14.16 -21.81 2.34
CA THR A 224 -14.61 -20.86 1.35
C THR A 224 -14.03 -19.51 1.74
N LEU A 225 -13.61 -18.68 0.78
CA LEU A 225 -13.05 -17.38 1.13
C LEU A 225 -13.98 -16.66 2.09
N LYS A 226 -15.26 -16.63 1.75
CA LYS A 226 -16.24 -15.97 2.60
C LYS A 226 -16.10 -16.40 4.05
N GLU A 227 -16.02 -17.71 4.28
CA GLU A 227 -15.88 -18.25 5.62
C GLU A 227 -14.58 -17.81 6.26
N ARG A 228 -13.51 -17.88 5.51
CA ARG A 228 -12.24 -17.46 6.06
C ARG A 228 -12.42 -16.00 6.46
N TYR A 229 -12.88 -15.17 5.53
CA TYR A 229 -13.06 -13.75 5.84
C TYR A 229 -13.84 -13.60 7.14
N GLN A 230 -14.92 -14.35 7.27
CA GLN A 230 -15.79 -14.30 8.44
C GLN A 230 -15.10 -14.70 9.75
N LYS A 231 -14.20 -15.68 9.67
CA LYS A 231 -13.46 -16.12 10.85
C LYS A 231 -12.45 -15.07 11.27
N ILE A 232 -11.72 -14.55 10.30
CA ILE A 232 -10.73 -13.53 10.57
C ILE A 232 -11.45 -12.33 11.21
N GLY A 233 -12.56 -11.91 10.62
CA GLY A 233 -13.31 -10.80 11.16
C GLY A 233 -13.78 -11.07 12.59
N ASP A 234 -14.22 -12.30 12.85
CA ASP A 234 -14.68 -12.67 14.18
C ASP A 234 -13.58 -12.56 15.21
N THR A 235 -12.38 -12.98 14.83
CA THR A 235 -11.22 -12.92 15.70
C THR A 235 -10.78 -11.48 15.93
N LYS A 236 -10.86 -10.64 14.89
CA LYS A 236 -10.47 -9.25 15.05
C LYS A 236 -11.42 -8.60 16.05
N ARG A 237 -12.70 -8.91 15.91
CA ARG A 237 -13.67 -8.34 16.83
C ARG A 237 -13.50 -8.95 18.22
N ALA A 238 -13.01 -10.17 18.28
CA ALA A 238 -12.81 -10.87 19.54
C ALA A 238 -11.47 -10.64 20.23
N THR A 239 -10.57 -9.87 19.60
CA THR A 239 -9.28 -9.57 20.20
C THR A 239 -9.35 -8.11 20.63
N PRO A 240 -9.27 -7.86 21.95
CA PRO A 240 -9.32 -6.50 22.47
C PRO A 240 -8.09 -5.70 22.06
N ILE A 241 -8.32 -4.48 21.64
CA ILE A 241 -7.21 -3.64 21.28
C ILE A 241 -6.08 -3.66 22.35
N GLU A 242 -6.42 -3.54 23.62
CA GLU A 242 -5.44 -3.49 24.64
C GLU A 242 -4.60 -4.82 24.59
N VAL A 243 -5.19 -5.89 24.09
CA VAL A 243 -4.47 -7.14 24.05
C VAL A 243 -3.62 -7.18 22.81
N LEU A 244 -4.17 -6.75 21.69
CA LEU A 244 -3.45 -6.75 20.43
C LEU A 244 -2.26 -5.79 20.50
N CYS A 245 -2.49 -4.61 21.06
CA CYS A 245 -1.46 -3.59 21.18
C CYS A 245 -0.72 -3.58 22.51
N GLU A 246 -0.68 -4.73 23.17
CA GLU A 246 0.01 -4.85 24.44
C GLU A 246 1.43 -4.30 24.34
N ASN A 247 1.82 -3.41 25.24
CA ASN A 247 3.15 -2.80 25.22
C ASN A 247 3.30 -1.62 24.27
N PHE A 248 2.25 -1.32 23.51
CA PHE A 248 2.29 -0.19 22.57
C PHE A 248 1.01 0.63 22.75
N PRO A 249 0.96 1.42 23.82
CA PRO A 249 -0.16 2.29 24.20
C PRO A 249 -0.60 3.23 23.10
N GLU A 250 0.36 3.84 22.42
CA GLU A 250 0.06 4.76 21.32
C GLU A 250 -0.65 4.03 20.19
N MET A 251 -0.21 2.80 19.92
CA MET A 251 -0.81 2.01 18.86
C MET A 251 -2.26 1.71 19.22
N ALA A 252 -2.51 1.43 20.49
CA ALA A 252 -3.87 1.13 20.93
C ALA A 252 -4.71 2.40 20.77
N THR A 253 -4.11 3.54 21.08
CA THR A 253 -4.83 4.80 20.95
C THR A 253 -5.10 5.10 19.50
N TYR A 254 -4.12 4.86 18.64
CA TYR A 254 -4.31 5.07 17.22
C TYR A 254 -5.46 4.19 16.74
N LEU A 255 -5.34 2.89 17.00
CA LEU A 255 -6.34 1.92 16.57
C LEU A 255 -7.78 2.14 16.99
N ARG A 256 -8.01 2.44 18.26
CA ARG A 256 -9.40 2.63 18.64
C ARG A 256 -9.91 3.99 18.18
N TYR A 257 -9.00 4.89 17.84
CA TYR A 257 -9.45 6.18 17.34
C TYR A 257 -10.02 5.94 15.93
N VAL A 258 -9.23 5.33 15.07
CA VAL A 258 -9.69 5.06 13.71
C VAL A 258 -10.89 4.11 13.67
N ARG A 259 -10.90 3.10 14.55
CA ARG A 259 -12.01 2.15 14.61
C ARG A 259 -13.32 2.87 14.94
N ARG A 260 -13.23 3.93 15.72
CA ARG A 260 -14.42 4.67 16.08
C ARG A 260 -14.78 5.81 15.13
N LEU A 261 -13.98 6.01 14.09
CA LEU A 261 -14.30 7.08 13.15
C LEU A 261 -15.64 6.81 12.46
N ASP A 262 -16.36 7.88 12.18
CA ASP A 262 -17.64 7.81 11.49
C ASP A 262 -17.35 7.54 10.00
N PHE A 263 -18.31 6.96 9.28
CA PHE A 263 -18.13 6.63 7.85
C PHE A 263 -17.75 7.82 6.96
N PHE A 264 -18.36 8.98 7.21
CA PHE A 264 -18.12 10.18 6.41
C PHE A 264 -16.99 11.06 6.98
N GLU A 265 -16.66 10.81 8.24
CA GLU A 265 -15.66 11.60 8.97
C GLU A 265 -14.26 11.77 8.36
N LYS A 266 -13.74 12.98 8.45
CA LYS A 266 -12.39 13.24 7.97
C LYS A 266 -11.48 12.88 9.13
N PRO A 267 -10.49 12.03 8.89
CA PRO A 267 -9.62 11.70 10.03
C PRO A 267 -8.79 12.91 10.43
N ASP A 268 -8.36 12.96 11.70
CA ASP A 268 -7.51 14.05 12.16
C ASP A 268 -6.10 13.49 11.99
N TYR A 269 -5.55 13.62 10.78
CA TYR A 269 -4.21 13.10 10.51
C TYR A 269 -3.15 13.76 11.39
N ASP A 270 -3.31 15.05 11.68
CA ASP A 270 -2.34 15.72 12.53
C ASP A 270 -2.28 15.05 13.89
N TYR A 271 -3.45 14.75 14.44
CA TYR A 271 -3.56 14.09 15.75
C TYR A 271 -2.88 12.73 15.76
N LEU A 272 -3.08 11.95 14.70
CA LEU A 272 -2.48 10.62 14.61
C LEU A 272 -0.97 10.70 14.43
N ARG A 273 -0.50 11.65 13.63
CA ARG A 273 0.93 11.78 13.42
C ARG A 273 1.59 12.17 14.74
N LYS A 274 0.91 13.02 15.49
CA LYS A 274 1.46 13.49 16.75
C LYS A 274 1.55 12.40 17.81
N LEU A 275 0.60 11.47 17.80
CA LEU A 275 0.61 10.35 18.75
C LEU A 275 1.95 9.65 18.56
N PHE A 276 2.34 9.52 17.29
CA PHE A 276 3.58 8.84 16.97
C PHE A 276 4.86 9.68 17.06
N THR A 277 4.80 10.97 16.72
CA THR A 277 6.02 11.75 16.83
C THR A 277 6.30 12.07 18.31
N ASP A 278 5.25 12.25 19.11
CA ASP A 278 5.48 12.50 20.53
C ASP A 278 6.16 11.27 21.11
N LEU A 279 5.63 10.09 20.79
CA LEU A 279 6.21 8.85 21.27
C LEU A 279 7.65 8.77 20.79
N PHE A 280 7.83 8.99 19.50
CA PHE A 280 9.15 8.93 18.88
C PHE A 280 10.14 9.78 19.65
N ASP A 281 9.77 11.02 19.93
CA ASP A 281 10.62 11.95 20.65
C ASP A 281 10.90 11.52 22.09
N ARG A 282 9.87 10.98 22.74
CA ARG A 282 10.00 10.53 24.13
C ARG A 282 10.94 9.32 24.28
N LYS A 283 10.96 8.45 23.27
CA LYS A 283 11.83 7.28 23.32
C LYS A 283 13.25 7.73 23.06
N GLY A 284 13.42 8.96 22.58
CA GLY A 284 14.76 9.44 22.31
C GLY A 284 15.23 9.09 20.89
N TYR A 285 14.31 8.64 20.04
CA TYR A 285 14.68 8.26 18.68
C TYR A 285 15.00 9.50 17.84
N MET A 286 15.81 9.31 16.80
CA MET A 286 16.16 10.41 15.90
C MET A 286 15.64 9.99 14.52
N PHE A 287 14.75 10.78 13.92
CA PHE A 287 14.22 10.44 12.59
C PHE A 287 15.35 10.66 11.57
N ASP A 288 16.18 9.64 11.40
CA ASP A 288 17.32 9.70 10.49
C ASP A 288 17.26 8.68 9.38
N TYR A 289 16.07 8.13 9.16
CA TYR A 289 15.89 7.12 8.12
C TYR A 289 16.76 5.90 8.26
N GLU A 290 17.25 5.60 9.45
CA GLU A 290 18.06 4.41 9.58
C GLU A 290 17.17 3.28 10.09
N TYR A 291 16.49 2.67 9.12
CA TYR A 291 15.55 1.59 9.35
C TYR A 291 16.32 0.36 9.76
N ASP A 292 15.61 -0.67 10.19
CA ASP A 292 16.26 -1.90 10.61
C ASP A 292 17.01 -2.55 9.45
N TRP A 293 16.50 -2.38 8.23
CA TRP A 293 17.10 -2.99 7.05
C TRP A 293 18.36 -2.30 6.55
N ILE A 294 18.67 -1.13 7.10
CA ILE A 294 19.85 -0.42 6.66
C ILE A 294 21.10 -1.22 7.04
N GLY A 295 21.97 -1.44 6.07
CA GLY A 295 23.18 -2.18 6.38
C GLY A 295 23.04 -3.61 5.89
N LYS A 296 21.80 -4.04 5.65
CA LYS A 296 21.60 -5.37 5.11
C LYS A 296 21.70 -5.22 3.58
N GLN A 297 21.74 -6.34 2.88
CA GLN A 297 21.89 -6.35 1.42
C GLN A 297 20.55 -6.59 0.73
N LEU A 298 20.12 -5.59 -0.03
CA LEU A 298 18.86 -5.66 -0.76
C LEU A 298 18.80 -6.24 -2.21
N PRO A 299 17.66 -6.87 -2.57
CA PRO A 299 17.51 -7.44 -3.92
C PRO A 299 17.37 -6.34 -4.96
N THR A 300 18.14 -6.41 -6.03
CA THR A 300 18.11 -5.41 -7.09
C THR A 300 17.95 -6.15 -8.42
N PRO A 301 16.79 -6.05 -9.07
CA PRO A 301 16.48 -6.68 -10.36
C PRO A 301 17.52 -6.28 -11.39
N VAL A 302 17.94 -5.02 -11.42
CA VAL A 302 18.97 -4.60 -12.38
C VAL A 302 20.31 -5.29 -12.00
#